data_4WLW
#
_entry.id   4WLW
#
_cell.length_a   162.965
_cell.length_b   162.965
_cell.length_c   53.175
_cell.angle_alpha   90.00
_cell.angle_beta   90.00
_cell.angle_gamma   120.00
#
_symmetry.space_group_name_H-M   'P 6 2 2'
#
loop_
_entity.id
_entity.type
_entity.pdbx_description
1 polymer 'HTH-type transcriptional regulator CueR'
2 polymer 'DNA NON-TEMPLATE STRAND (5-D(*DGP*DAP*DCP*DCP *DTP*DTP*DCP*DCP*DCP*DCP*DTP*DTP*DGP*DCP*DTP*DGP*DGP*DAP *DAP*DGP*DGP*DTP*DC)-3'
3 polymer 'DNA TEMPLATE STRAND (5-D(*DGP*DAP*DCP*DCP*DTP *DTP*DCP*DCP*DAP*DGP*DCP*DAP*DAP*DGP*DGP*DGP*DGP*DAP*DAP *DGP*DGP*DTP*DC)-3'
4 non-polymer 'SILVER ION'
#
loop_
_entity_poly.entity_id
_entity_poly.type
_entity_poly.pdbx_seq_one_letter_code
_entity_poly.pdbx_strand_id
1 'polypeptide(L)'
;(MSE)NISDVAKITGLTSKAIRFYEEKGLVTPP(MSE)RSENGYRTYTQQHLNELTLLRQARQVGFNLEESGELVNLFND
PQRHSADVKRRTLEKVAEIERHIEELQS(MSE)RDQLLALANACPGDDSADCPIIENLSGCCHHRAG
;
A
2 'polydeoxyribonucleotide'
;(DG)(DA)(DC)(DC)(DT)(DT)(DC)(DC)(DC)(DC)(DT)(DT)(DG)(DC)(DT)(DG)(DG)(DA)(DA)(DG)
(DG)(DT)(DC)
;
X
3 'polydeoxyribonucleotide'
;(DG)(DA)(DC)(DC)(DT)(DT)(DC)(DC)(DA)(DG)(DC)(DA)(DA)(DG)(DG)(DG)(DG)(DA)(DA)(DG)
(DG)(DT)(DC)
;
Y
#
loop_
_chem_comp.id
_chem_comp.type
_chem_comp.name
_chem_comp.formula
AG non-polymer 'SILVER ION' 'Ag 1'
DA DNA linking 2'-DEOXYADENOSINE-5'-MONOPHOSPHATE 'C10 H14 N5 O6 P'
DC DNA linking 2'-DEOXYCYTIDINE-5'-MONOPHOSPHATE 'C9 H14 N3 O7 P'
DG DNA linking 2'-DEOXYGUANOSINE-5'-MONOPHOSPHATE 'C10 H14 N5 O7 P'
DT DNA linking THYMIDINE-5'-MONOPHOSPHATE 'C10 H15 N2 O8 P'
#
# COMPACT_ATOMS: atom_id res chain seq x y z
N MSE A 1 -25.83 -0.87 -6.60
CA MSE A 1 -25.42 -0.99 -5.20
C MSE A 1 -25.03 0.32 -4.67
O MSE A 1 -24.60 1.19 -5.41
CB MSE A 1 -24.16 -1.80 -5.05
CG MSE A 1 -24.38 -3.20 -5.55
SE MSE A 1 -22.62 -3.94 -5.93
CE MSE A 1 -22.35 -4.11 -4.01
N ASN A 2 -25.13 0.44 -3.36
CA ASN A 2 -24.66 1.59 -2.66
C ASN A 2 -23.31 1.37 -1.99
N ILE A 3 -22.77 2.44 -1.42
CA ILE A 3 -21.37 2.45 -1.06
C ILE A 3 -21.06 1.42 0.04
N SER A 4 -21.86 1.42 1.11
CA SER A 4 -21.69 0.43 2.18
C SER A 4 -21.77 -0.98 1.62
N ASP A 5 -22.63 -1.20 0.65
CA ASP A 5 -22.66 -2.51 -0.01
C ASP A 5 -21.29 -2.82 -0.60
N VAL A 6 -20.79 -1.90 -1.43
CA VAL A 6 -19.47 -2.04 -2.05
C VAL A 6 -18.32 -2.08 -1.04
N ALA A 7 -18.45 -1.28 -0.01
CA ALA A 7 -17.52 -1.35 1.08
C ALA A 7 -17.33 -2.77 1.53
N LYS A 8 -18.43 -3.41 1.91
CA LYS A 8 -18.30 -4.69 2.59
C LYS A 8 -17.88 -5.82 1.64
N ILE A 9 -18.37 -5.79 0.43
CA ILE A 9 -17.86 -6.73 -0.54
C ILE A 9 -16.37 -6.59 -0.86
N THR A 10 -15.81 -5.39 -0.76
CA THR A 10 -14.39 -5.18 -1.15
C THR A 10 -13.45 -5.14 0.04
N GLY A 11 -13.97 -4.90 1.24
CA GLY A 11 -13.10 -4.79 2.39
C GLY A 11 -12.59 -3.38 2.57
N LEU A 12 -12.89 -2.49 1.61
CA LEU A 12 -12.61 -1.06 1.75
C LEU A 12 -13.62 -0.39 2.68
N THR A 13 -13.23 0.72 3.29
CA THR A 13 -14.19 1.53 4.01
C THR A 13 -14.84 2.47 3.03
N SER A 14 -15.95 3.03 3.46
CA SER A 14 -16.63 4.03 2.64
C SER A 14 -15.73 5.23 2.41
N LYS A 15 -15.12 5.73 3.45
CA LYS A 15 -14.34 6.90 3.29
C LYS A 15 -13.25 6.60 2.31
N ALA A 16 -12.74 5.38 2.34
CA ALA A 16 -11.69 5.04 1.42
C ALA A 16 -12.17 5.17 -0.01
N ILE A 17 -13.34 4.63 -0.28
CA ILE A 17 -13.95 4.66 -1.59
C ILE A 17 -14.18 6.05 -2.10
N ARG A 18 -14.77 6.88 -1.29
CA ARG A 18 -14.97 8.25 -1.74
C ARG A 18 -13.64 8.84 -2.13
N PHE A 19 -12.65 8.55 -1.30
CA PHE A 19 -11.32 9.09 -1.45
C PHE A 19 -10.62 8.68 -2.75
N TYR A 20 -10.72 7.42 -3.10
CA TYR A 20 -10.20 7.02 -4.36
C TYR A 20 -10.93 7.75 -5.48
N GLU A 21 -12.25 7.85 -5.38
CA GLU A 21 -13.00 8.56 -6.43
C GLU A 21 -12.49 9.99 -6.58
N GLU A 22 -12.28 10.63 -5.44
CA GLU A 22 -11.91 12.02 -5.41
C GLU A 22 -10.58 12.23 -6.06
N LYS A 23 -9.69 11.26 -5.85
CA LYS A 23 -8.35 11.33 -6.34
C LYS A 23 -8.19 10.93 -7.79
N GLY A 24 -9.26 10.72 -8.53
CA GLY A 24 -9.16 10.36 -9.95
C GLY A 24 -8.76 8.91 -10.14
N LEU A 25 -8.72 8.11 -9.08
CA LEU A 25 -8.11 6.80 -9.18
C LEU A 25 -9.02 5.75 -9.73
N VAL A 26 -10.32 5.93 -9.48
CA VAL A 26 -11.39 5.05 -10.04
C VAL A 26 -12.46 5.85 -10.76
N THR A 27 -13.24 5.13 -11.54
CA THR A 27 -14.35 5.74 -12.26
C THR A 27 -15.46 6.22 -11.36
N PRO A 28 -15.96 7.41 -11.62
CA PRO A 28 -16.98 7.79 -10.66
C PRO A 28 -18.23 6.99 -10.93
N PRO A 29 -18.91 6.55 -9.86
CA PRO A 29 -20.18 5.92 -10.07
C PRO A 29 -21.25 6.97 -10.39
N MSE A 30 -22.30 6.63 -11.13
CA MSE A 30 -23.48 7.50 -11.27
C MSE A 30 -24.01 7.87 -9.90
O MSE A 30 -23.84 7.15 -8.91
CB MSE A 30 -24.65 6.85 -12.02
CG MSE A 30 -24.33 6.78 -13.53
SE MSE A 30 -25.56 5.62 -14.57
CE MSE A 30 -24.47 4.00 -14.90
N ARG A 31 -24.59 9.05 -9.83
CA ARG A 31 -25.50 9.40 -8.76
C ARG A 31 -26.95 9.02 -9.12
N SER A 32 -27.80 9.21 -8.13
CA SER A 32 -29.22 8.93 -8.20
C SER A 32 -29.88 10.27 -8.00
N GLU A 33 -31.16 10.40 -8.32
CA GLU A 33 -31.84 11.69 -8.12
C GLU A 33 -31.61 12.27 -6.71
N ASN A 34 -31.31 11.42 -5.72
CA ASN A 34 -30.93 11.87 -4.33
C ASN A 34 -29.44 12.06 -4.09
N GLY A 35 -28.61 11.75 -5.07
CA GLY A 35 -27.16 11.94 -4.93
C GLY A 35 -26.39 10.76 -4.38
N TYR A 36 -27.08 9.71 -3.96
CA TYR A 36 -26.41 8.54 -3.48
C TYR A 36 -25.60 7.91 -4.60
N ARG A 37 -24.34 7.59 -4.31
CA ARG A 37 -23.52 6.97 -5.34
C ARG A 37 -24.10 5.60 -5.53
N THR A 38 -24.00 5.11 -6.75
CA THR A 38 -24.75 3.97 -7.20
C THR A 38 -23.82 3.19 -8.10
N TYR A 39 -23.37 2.02 -7.64
CA TYR A 39 -22.25 1.40 -8.28
C TYR A 39 -22.72 0.29 -9.17
N THR A 40 -21.91 -0.01 -10.18
CA THR A 40 -22.13 -1.14 -11.04
C THR A 40 -21.01 -2.15 -10.82
N GLN A 41 -21.11 -3.30 -11.45
CA GLN A 41 -20.13 -4.36 -11.35
C GLN A 41 -18.74 -3.88 -11.69
N GLN A 42 -18.62 -3.14 -12.80
CA GLN A 42 -17.36 -2.55 -13.19
C GLN A 42 -16.68 -1.86 -12.01
N HIS A 43 -17.39 -0.99 -11.32
CA HIS A 43 -16.79 -0.25 -10.22
C HIS A 43 -16.24 -1.21 -9.18
N LEU A 44 -17.01 -2.27 -8.92
CA LEU A 44 -16.56 -3.32 -8.04
C LEU A 44 -15.20 -3.88 -8.41
N ASN A 45 -15.03 -4.16 -9.69
CA ASN A 45 -13.79 -4.71 -10.13
C ASN A 45 -12.68 -3.70 -9.88
N GLU A 46 -12.88 -2.48 -10.37
CA GLU A 46 -11.94 -1.38 -10.18
C GLU A 46 -11.53 -1.31 -8.73
N LEU A 47 -12.50 -1.26 -7.82
CA LEU A 47 -12.12 -1.08 -6.46
C LEU A 47 -11.40 -2.29 -5.88
N THR A 48 -11.71 -3.46 -6.39
CA THR A 48 -11.17 -4.63 -5.79
C THR A 48 -9.73 -4.65 -6.23
N LEU A 49 -9.52 -4.44 -7.49
CA LEU A 49 -8.19 -4.33 -8.02
C LEU A 49 -7.39 -3.34 -7.16
N LEU A 50 -7.92 -2.14 -7.02
CA LEU A 50 -7.27 -1.15 -6.21
C LEU A 50 -6.88 -1.71 -4.88
N ARG A 51 -7.79 -2.35 -4.19
CA ARG A 51 -7.47 -2.80 -2.85
C ARG A 51 -6.47 -3.89 -2.86
N GLN A 52 -6.53 -4.74 -3.87
CA GLN A 52 -5.67 -5.90 -3.87
C GLN A 52 -4.30 -5.40 -4.28
N ALA A 53 -4.24 -4.43 -5.19
CA ALA A 53 -2.93 -3.88 -5.55
C ALA A 53 -2.28 -3.30 -4.29
N ARG A 54 -3.08 -2.68 -3.45
CA ARG A 54 -2.50 -2.06 -2.30
C ARG A 54 -1.97 -3.07 -1.36
N GLN A 55 -2.68 -4.15 -1.14
CA GLN A 55 -2.25 -5.15 -0.16
C GLN A 55 -0.93 -5.84 -0.51
N VAL A 56 -0.57 -5.73 -1.76
CA VAL A 56 0.56 -6.40 -2.32
C VAL A 56 1.63 -5.33 -2.60
N GLY A 57 1.44 -4.16 -1.99
CA GLY A 57 2.47 -3.15 -1.98
C GLY A 57 2.51 -2.06 -3.02
N PHE A 58 1.58 -2.01 -3.94
CA PHE A 58 1.57 -0.86 -4.84
C PHE A 58 1.05 0.33 -4.07
N ASN A 59 1.49 1.52 -4.44
CA ASN A 59 0.95 2.67 -3.78
C ASN A 59 -0.27 3.10 -4.61
N LEU A 60 -0.87 4.23 -4.23
CA LEU A 60 -2.05 4.69 -4.89
C LEU A 60 -1.74 5.02 -6.29
N GLU A 61 -0.77 5.89 -6.55
CA GLU A 61 -0.52 6.31 -7.91
C GLU A 61 -0.39 5.06 -8.77
N GLU A 62 0.37 4.09 -8.31
CA GLU A 62 0.60 2.90 -9.12
C GLU A 62 -0.63 2.03 -9.23
N SER A 63 -1.38 1.90 -8.14
CA SER A 63 -2.61 1.16 -8.14
C SER A 63 -3.53 1.76 -9.18
N GLY A 64 -3.61 3.07 -9.16
CA GLY A 64 -4.33 3.80 -10.17
C GLY A 64 -3.90 3.43 -11.58
N GLU A 65 -2.61 3.30 -11.81
CA GLU A 65 -2.16 3.08 -13.18
C GLU A 65 -2.55 1.70 -13.56
N LEU A 66 -2.55 0.76 -12.61
CA LEU A 66 -3.07 -0.57 -12.90
C LEU A 66 -4.54 -0.52 -13.30
N VAL A 67 -5.33 0.28 -12.61
CA VAL A 67 -6.72 0.47 -12.99
C VAL A 67 -6.85 1.08 -14.40
N ASN A 68 -6.04 2.08 -14.75
CA ASN A 68 -6.08 2.58 -16.14
C ASN A 68 -5.78 1.51 -17.18
N LEU A 69 -5.03 0.49 -16.77
CA LEU A 69 -4.77 -0.63 -17.63
C LEU A 69 -5.94 -1.60 -17.68
N PHE A 70 -6.52 -1.91 -16.54
CA PHE A 70 -7.73 -2.72 -16.55
C PHE A 70 -8.75 -2.16 -17.57
N ASN A 71 -8.89 -0.85 -17.66
CA ASN A 71 -9.86 -0.16 -18.54
C ASN A 71 -9.44 0.06 -20.03
N ASP A 72 -8.23 -0.36 -20.38
CA ASP A 72 -7.75 -0.32 -21.74
C ASP A 72 -7.75 -1.74 -22.29
N PRO A 73 -8.62 -2.02 -23.27
CA PRO A 73 -8.59 -3.39 -23.78
C PRO A 73 -7.44 -3.62 -24.78
N GLN A 74 -6.80 -2.53 -25.25
CA GLN A 74 -5.59 -2.59 -26.10
C GLN A 74 -4.28 -2.63 -25.34
N ARG A 75 -4.35 -3.07 -24.09
CA ARG A 75 -3.23 -3.07 -23.19
C ARG A 75 -2.29 -4.20 -23.58
N HIS A 76 -1.01 -4.06 -23.24
CA HIS A 76 -0.06 -5.18 -23.34
C HIS A 76 0.14 -5.83 -21.96
N SER A 77 -0.08 -7.14 -21.86
CA SER A 77 0.04 -7.87 -20.58
C SER A 77 1.44 -7.76 -20.01
N ALA A 78 2.35 -7.30 -20.88
CA ALA A 78 3.75 -7.04 -20.62
C ALA A 78 3.99 -5.77 -19.83
N ASP A 79 3.39 -4.67 -20.26
CA ASP A 79 3.49 -3.42 -19.49
C ASP A 79 3.12 -3.62 -18.01
N VAL A 80 2.27 -4.59 -17.71
CA VAL A 80 1.96 -4.95 -16.34
C VAL A 80 3.07 -5.73 -15.69
N LYS A 81 3.47 -6.82 -16.32
CA LYS A 81 4.56 -7.63 -15.81
C LYS A 81 5.73 -6.71 -15.40
N ARG A 82 6.17 -5.86 -16.32
CA ARG A 82 7.25 -4.91 -16.02
C ARG A 82 6.97 -4.21 -14.68
N ARG A 83 5.76 -3.65 -14.59
CA ARG A 83 5.31 -2.92 -13.41
C ARG A 83 5.40 -3.80 -12.22
N THR A 84 5.05 -5.04 -12.43
CA THR A 84 4.90 -5.93 -11.30
C THR A 84 6.26 -6.34 -10.82
N LEU A 85 7.23 -6.29 -11.72
CA LEU A 85 8.56 -6.79 -11.40
C LEU A 85 9.40 -5.73 -10.77
N GLU A 86 9.21 -4.49 -11.20
CA GLU A 86 9.71 -3.35 -10.41
C GLU A 86 9.23 -3.45 -8.98
N LYS A 87 7.95 -3.72 -8.78
CA LYS A 87 7.48 -3.70 -7.41
C LYS A 87 8.15 -4.80 -6.61
N VAL A 88 8.55 -5.87 -7.28
CA VAL A 88 9.27 -6.92 -6.53
C VAL A 88 10.65 -6.40 -6.15
N ALA A 89 11.35 -5.84 -7.12
CA ALA A 89 12.64 -5.25 -6.83
C ALA A 89 12.52 -4.30 -5.64
N GLU A 90 11.69 -3.28 -5.78
CA GLU A 90 11.49 -2.33 -4.73
C GLU A 90 11.22 -3.07 -3.43
N ILE A 91 10.35 -4.04 -3.45
CA ILE A 91 10.16 -4.73 -2.20
C ILE A 91 11.45 -5.35 -1.73
N GLU A 92 12.28 -5.81 -2.66
CA GLU A 92 13.57 -6.41 -2.33
C GLU A 92 14.55 -5.42 -1.69
N ARG A 93 14.68 -4.22 -2.29
CA ARG A 93 15.57 -3.19 -1.72
C ARG A 93 15.14 -2.84 -0.32
N HIS A 94 13.85 -2.78 -0.12
CA HIS A 94 13.27 -2.45 1.18
C HIS A 94 13.60 -3.57 2.16
N ILE A 95 13.79 -4.79 1.71
CA ILE A 95 14.07 -5.85 2.69
C ILE A 95 15.53 -5.84 3.09
N GLU A 96 16.42 -5.66 2.11
CA GLU A 96 17.80 -5.33 2.40
C GLU A 96 17.84 -4.31 3.55
N GLU A 97 17.23 -3.14 3.31
CA GLU A 97 17.25 -1.99 4.23
C GLU A 97 16.83 -2.38 5.62
N LEU A 98 15.83 -3.20 5.76
CA LEU A 98 15.41 -3.61 7.11
C LEU A 98 16.30 -4.60 7.77
N GLN A 99 17.18 -5.20 6.98
CA GLN A 99 18.06 -6.20 7.55
C GLN A 99 19.26 -5.56 8.14
N SER A 100 19.78 -4.60 7.39
CA SER A 100 20.80 -3.74 7.89
C SER A 100 20.36 -3.28 9.26
N MSE A 101 19.12 -2.80 9.39
CA MSE A 101 18.65 -2.30 10.70
C MSE A 101 18.70 -3.44 11.67
O MSE A 101 19.33 -3.33 12.68
CB MSE A 101 17.26 -1.65 10.71
CG MSE A 101 17.12 -0.49 9.73
SE MSE A 101 15.24 0.17 9.55
CE MSE A 101 15.71 0.79 7.73
N ARG A 102 18.07 -4.57 11.34
CA ARG A 102 18.10 -5.73 12.26
C ARG A 102 19.52 -6.00 12.79
N ASP A 103 20.46 -5.98 11.85
CA ASP A 103 21.86 -6.14 12.15
C ASP A 103 22.41 -5.11 13.16
N GLN A 104 22.29 -3.85 12.77
CA GLN A 104 22.77 -2.76 13.57
C GLN A 104 22.20 -2.90 14.92
N LEU A 105 20.91 -3.18 15.03
CA LEU A 105 20.30 -3.27 16.34
C LEU A 105 20.79 -4.45 17.10
N LEU A 106 21.11 -5.53 16.43
CA LEU A 106 21.29 -6.75 17.20
C LEU A 106 22.63 -6.60 17.88
N ALA A 107 23.61 -6.10 17.11
CA ALA A 107 24.93 -5.68 17.61
C ALA A 107 24.86 -4.87 18.91
N LEU A 108 24.05 -3.84 18.87
CA LEU A 108 23.89 -2.99 20.01
C LEU A 108 23.33 -3.79 21.22
N ALA A 109 22.39 -4.68 21.04
CA ALA A 109 21.82 -5.29 22.24
C ALA A 109 22.66 -6.44 22.82
N ASN A 110 23.56 -6.99 22.01
CA ASN A 110 24.46 -8.01 22.51
C ASN A 110 25.25 -7.37 23.62
N ALA A 111 25.99 -6.34 23.22
CA ALA A 111 26.85 -5.52 24.10
C ALA A 111 26.17 -4.93 25.31
N CYS A 112 24.86 -5.02 25.42
CA CYS A 112 24.24 -4.36 26.53
C CYS A 112 24.08 -5.41 27.59
N PRO A 113 24.76 -5.25 28.72
CA PRO A 113 24.49 -6.18 29.82
C PRO A 113 23.02 -6.24 30.23
N GLY A 114 22.21 -5.27 29.83
CA GLY A 114 20.79 -5.26 30.19
C GLY A 114 20.53 -5.63 31.64
N ASP A 115 21.34 -5.08 32.53
CA ASP A 115 21.42 -5.58 33.89
C ASP A 115 20.96 -4.62 34.98
N ASP A 116 20.26 -3.56 34.63
CA ASP A 116 19.89 -2.57 35.66
C ASP A 116 21.07 -1.66 36.18
N SER A 117 22.30 -1.87 35.68
CA SER A 117 23.31 -0.79 35.71
C SER A 117 22.84 0.32 34.75
N ALA A 118 23.45 1.50 34.82
CA ALA A 118 23.02 2.62 33.98
C ALA A 118 23.93 2.95 32.79
N ASP A 119 25.07 2.30 32.65
CA ASP A 119 25.86 2.48 31.44
C ASP A 119 25.14 1.63 30.43
N CYS A 120 24.87 2.19 29.26
CA CYS A 120 24.07 1.50 28.26
C CYS A 120 24.71 1.75 26.92
N PRO A 121 25.61 0.86 26.52
CA PRO A 121 26.35 1.12 25.29
C PRO A 121 25.50 1.32 24.05
N ILE A 122 24.21 1.01 24.17
CA ILE A 122 23.27 1.28 23.09
C ILE A 122 23.15 2.79 22.94
N ILE A 123 22.72 3.41 24.04
CA ILE A 123 22.62 4.87 24.12
C ILE A 123 23.97 5.52 23.77
N GLU A 124 25.02 5.02 24.40
CA GLU A 124 26.33 5.61 24.22
C GLU A 124 26.60 5.48 22.75
N ASN A 125 26.26 4.35 22.16
CA ASN A 125 26.59 4.20 20.78
C ASN A 125 25.74 5.10 19.92
N LEU A 126 24.47 5.21 20.27
CA LEU A 126 23.54 5.93 19.42
C LEU A 126 23.80 7.40 19.31
N SER A 127 24.33 7.98 20.38
CA SER A 127 24.79 9.37 20.43
C SER A 127 26.29 9.24 20.36
N GLY A 128 26.97 10.06 19.59
CA GLY A 128 28.45 10.05 19.63
C GLY A 128 29.00 10.77 20.84
N CYS A 129 28.90 10.12 21.99
CA CYS A 129 29.42 10.64 23.28
C CYS A 129 30.18 9.47 23.85
N CYS A 130 31.39 9.73 24.36
CA CYS A 130 32.29 8.68 24.92
C CYS A 130 33.19 8.04 23.85
AG AG D . 21.80 -0.88 27.23
#